data_6U4R
#
_entry.id   6U4R
#
_cell.length_a   95.453
_cell.length_b   95.453
_cell.length_c   141.689
_cell.angle_alpha   90.000
_cell.angle_beta   90.000
_cell.angle_gamma   120.000
#
_symmetry.space_group_name_H-M   'P 61'
#
loop_
_entity.id
_entity.type
_entity.pdbx_description
1 polymer 'Serum albumin'
2 non-polymer '(2S)-2-[3-(benzenecarbonyl)phenyl]propanoic acid'
3 non-polymer 'nonanoic acid'
4 non-polymer 'UNKNOWN ATOM OR ION'
5 non-polymer 'UNKNOWN LIGAND'
6 non-polymer 'SULFATE ION'
7 water water
#
_entity_poly.entity_id   1
_entity_poly.type   'polypeptide(L)'
_entity_poly.pdbx_seq_one_letter_code
;DTHKSEIAHRFNDLGEKHFKGLVLVAFSQYLQQCPFEDHVKLVNEVTEFAKKCAADESAENCDKSLHTLFGDKLCTVATL
RATYGELADCCEKQEPERNECFLTHKDDHPNLPKLKPEPDAQCAAFQEDPDKFLGKYLYEVARRHPYFYGPELLFHAEEY
KADFTECCPADDKLACLIPKLDALKERILLSSAKERLKCSSFQNFGERAVKAWSVARLSQKFPKADFAEVSKIVTDLTKV
HKECCHGDLLECADDRADLAKYICEHQDSISGKLKACCDKPLLQKSHCIAEVKEDDLPSDLPALAADFAEDKEICKHYKD
AKDVFLGTFLYEYSRRHPDYSVSLLLRIAKTYEATLEKCCAEADPPACYRTVFDQFTPLVEEPKSLVKKNCDLFEEVGEY
DFQNALIVRYTKKAPQVSTPTLVEIGRTLGKVGSRCCKLPESERLPCSENHLALALNRLCVLHEKTPVSEKITKCCTDSL
AERRPCFSALELDEGYVPKEFKAETFTFHADICTLPEDEKQIKKQSALAELVKHKPKATKEQLKTVLGNFSAFVAKCCGA
EDKEACFAEEGPKLVASSQLALA
;
_entity_poly.pdbx_strand_id   A
#
# COMPACT_ATOMS: atom_id res chain seq x y z
N HIS A 3 -21.63 -22.33 -18.15
CA HIS A 3 -22.08 -20.90 -18.10
C HIS A 3 -22.03 -20.30 -19.51
N LYS A 4 -23.18 -20.19 -20.16
CA LYS A 4 -23.32 -19.66 -21.55
C LYS A 4 -23.04 -18.16 -21.55
N SER A 5 -23.77 -17.40 -20.71
CA SER A 5 -23.61 -15.93 -20.54
C SER A 5 -22.87 -15.64 -19.23
N GLU A 6 -21.57 -15.30 -19.34
CA GLU A 6 -20.67 -15.03 -18.19
C GLU A 6 -21.16 -13.80 -17.42
N ILE A 7 -21.68 -12.78 -18.14
CA ILE A 7 -22.18 -11.51 -17.52
C ILE A 7 -23.44 -11.80 -16.69
N ALA A 8 -24.31 -12.68 -17.18
CA ALA A 8 -25.54 -13.13 -16.46
C ALA A 8 -25.12 -13.88 -15.20
N HIS A 9 -24.13 -14.77 -15.32
CA HIS A 9 -23.56 -15.58 -14.22
C HIS A 9 -23.15 -14.66 -13.07
N ARG A 10 -22.33 -13.64 -13.35
CA ARG A 10 -21.77 -12.70 -12.34
C ARG A 10 -22.87 -11.80 -11.78
N PHE A 11 -23.79 -11.32 -12.63
CA PHE A 11 -24.96 -10.50 -12.22
C PHE A 11 -25.85 -11.31 -11.26
N ASN A 12 -26.09 -12.59 -11.58
CA ASN A 12 -26.91 -13.52 -10.75
C ASN A 12 -26.25 -13.68 -9.37
N ASP A 13 -24.94 -13.91 -9.34
CA ASP A 13 -24.18 -14.22 -8.09
C ASP A 13 -24.05 -12.97 -7.20
N LEU A 14 -23.73 -11.81 -7.77
CA LEU A 14 -23.29 -10.61 -7.00
C LEU A 14 -24.51 -9.81 -6.50
N GLY A 15 -25.61 -9.79 -7.26
CA GLY A 15 -26.78 -8.93 -6.99
C GLY A 15 -26.57 -7.54 -7.58
N GLU A 16 -27.68 -6.85 -7.91
CA GLU A 16 -27.70 -5.58 -8.68
C GLU A 16 -26.86 -4.50 -7.97
N LYS A 17 -27.04 -4.36 -6.66
CA LYS A 17 -26.37 -3.32 -5.83
C LYS A 17 -24.85 -3.43 -5.99
N HIS A 18 -24.27 -4.58 -5.63
CA HIS A 18 -22.81 -4.83 -5.68
C HIS A 18 -22.32 -4.86 -7.13
N PHE A 19 -23.08 -5.44 -8.05
CA PHE A 19 -22.74 -5.49 -9.50
C PHE A 19 -22.51 -4.04 -9.98
N LYS A 20 -23.50 -3.18 -9.78
CA LYS A 20 -23.46 -1.75 -10.19
C LYS A 20 -22.20 -1.08 -9.61
N GLY A 21 -21.96 -1.26 -8.31
CA GLY A 21 -20.79 -0.74 -7.60
C GLY A 21 -19.48 -1.18 -8.25
N LEU A 22 -19.33 -2.48 -8.51
CA LEU A 22 -18.07 -3.07 -9.05
C LEU A 22 -17.87 -2.61 -10.50
N VAL A 23 -18.94 -2.50 -11.29
CA VAL A 23 -18.90 -2.01 -12.70
C VAL A 23 -18.46 -0.54 -12.68
N LEU A 24 -18.99 0.25 -11.74
CA LEU A 24 -18.63 1.69 -11.59
C LEU A 24 -17.14 1.81 -11.28
N VAL A 25 -16.65 1.04 -10.29
CA VAL A 25 -15.22 1.03 -9.87
C VAL A 25 -14.36 0.68 -11.10
N ALA A 26 -14.72 -0.38 -11.82
CA ALA A 26 -13.96 -0.91 -12.99
C ALA A 26 -13.70 0.23 -13.99
N PHE A 27 -14.76 0.96 -14.36
CA PHE A 27 -14.73 2.03 -15.39
C PHE A 27 -14.12 3.31 -14.81
N SER A 28 -14.35 3.59 -13.53
CA SER A 28 -13.83 4.78 -12.81
C SER A 28 -12.30 4.73 -12.73
N GLN A 29 -11.74 3.53 -12.55
CA GLN A 29 -10.28 3.30 -12.36
C GLN A 29 -9.52 3.59 -13.66
N TYR A 30 -10.20 3.51 -14.81
CA TYR A 30 -9.64 3.80 -16.16
C TYR A 30 -9.99 5.23 -16.58
N LEU A 31 -11.29 5.52 -16.69
CA LEU A 31 -11.84 6.81 -17.17
C LEU A 31 -11.92 7.79 -15.99
N GLN A 32 -10.76 8.30 -15.55
CA GLN A 32 -10.59 9.06 -14.29
C GLN A 32 -11.01 10.52 -14.48
N GLN A 33 -11.10 11.00 -15.73
CA GLN A 33 -11.39 12.42 -16.08
C GLN A 33 -12.90 12.63 -16.31
N CYS A 34 -13.58 11.60 -16.80
CA CYS A 34 -15.04 11.63 -17.13
CA CYS A 34 -15.04 11.62 -17.13
C CYS A 34 -15.84 11.92 -15.86
N PRO A 35 -16.83 12.84 -15.88
CA PRO A 35 -17.64 13.11 -14.70
C PRO A 35 -18.51 11.94 -14.21
N PHE A 36 -18.97 12.03 -12.96
CA PHE A 36 -19.77 11.00 -12.25
C PHE A 36 -21.05 10.72 -13.05
N GLU A 37 -21.81 11.78 -13.36
CA GLU A 37 -23.09 11.72 -14.12
C GLU A 37 -22.95 10.76 -15.31
N ASP A 38 -21.86 10.90 -16.07
CA ASP A 38 -21.61 10.13 -17.32
C ASP A 38 -21.32 8.66 -16.98
N HIS A 39 -20.63 8.40 -15.87
CA HIS A 39 -20.31 7.03 -15.37
C HIS A 39 -21.61 6.32 -14.98
N VAL A 40 -22.52 7.03 -14.31
CA VAL A 40 -23.87 6.53 -13.90
C VAL A 40 -24.59 6.00 -15.15
N LYS A 41 -24.65 6.80 -16.22
CA LYS A 41 -25.31 6.44 -17.50
C LYS A 41 -24.66 5.17 -18.06
N LEU A 42 -23.34 5.06 -17.95
CA LEU A 42 -22.55 3.90 -18.46
C LEU A 42 -22.90 2.65 -17.65
N VAL A 43 -22.98 2.77 -16.32
CA VAL A 43 -23.31 1.65 -15.39
C VAL A 43 -24.74 1.17 -15.65
N ASN A 44 -25.67 2.10 -15.87
CA ASN A 44 -27.11 1.82 -16.14
C ASN A 44 -27.21 0.96 -17.41
N GLU A 45 -26.53 1.35 -18.48
CA GLU A 45 -26.52 0.63 -19.78
C GLU A 45 -25.94 -0.79 -19.59
N VAL A 46 -24.86 -0.92 -18.83
CA VAL A 46 -24.18 -2.23 -18.56
C VAL A 46 -25.14 -3.12 -17.76
N THR A 47 -25.78 -2.57 -16.72
CA THR A 47 -26.72 -3.28 -15.82
C THR A 47 -27.93 -3.76 -16.62
N GLU A 48 -28.45 -2.93 -17.51
CA GLU A 48 -29.59 -3.26 -18.42
C GLU A 48 -29.22 -4.45 -19.31
N PHE A 49 -27.97 -4.52 -19.78
CA PHE A 49 -27.44 -5.59 -20.67
C PHE A 49 -27.34 -6.90 -19.88
N ALA A 50 -26.88 -6.82 -18.62
CA ALA A 50 -26.75 -7.97 -17.70
C ALA A 50 -28.15 -8.55 -17.42
N LYS A 51 -29.11 -7.69 -17.09
CA LYS A 51 -30.52 -8.07 -16.80
C LYS A 51 -31.12 -8.78 -18.01
N LYS A 52 -30.96 -8.19 -19.20
CA LYS A 52 -31.45 -8.76 -20.48
C LYS A 52 -30.85 -10.16 -20.67
N CYS A 53 -29.53 -10.28 -20.49
CA CYS A 53 -28.77 -11.55 -20.63
C CYS A 53 -29.23 -12.56 -19.57
N ALA A 54 -29.42 -12.12 -18.33
CA ALA A 54 -29.93 -12.97 -17.21
C ALA A 54 -31.30 -13.56 -17.59
N ALA A 55 -32.11 -12.84 -18.36
CA ALA A 55 -33.46 -13.27 -18.81
C ALA A 55 -33.33 -14.29 -19.94
N ASP A 56 -32.52 -14.01 -20.95
CA ASP A 56 -32.30 -14.89 -22.14
C ASP A 56 -30.80 -14.93 -22.45
N GLU A 57 -30.12 -16.02 -22.05
CA GLU A 57 -28.64 -16.16 -22.12
C GLU A 57 -28.20 -16.39 -23.57
N SER A 58 -29.13 -16.78 -24.44
CA SER A 58 -28.90 -16.99 -25.90
C SER A 58 -29.11 -15.67 -26.67
N ALA A 59 -29.53 -14.60 -25.99
CA ALA A 59 -29.80 -13.27 -26.57
C ALA A 59 -28.51 -12.65 -27.12
N GLU A 60 -28.61 -11.48 -27.76
CA GLU A 60 -27.56 -10.85 -28.60
C GLU A 60 -26.34 -10.50 -27.75
N ASN A 61 -25.17 -11.08 -28.10
CA ASN A 61 -23.83 -10.72 -27.56
C ASN A 61 -23.68 -11.10 -26.08
N CYS A 62 -24.59 -11.92 -25.54
CA CYS A 62 -24.62 -12.32 -24.12
C CYS A 62 -23.53 -13.38 -23.84
N ASP A 63 -23.10 -14.09 -24.89
CA ASP A 63 -22.13 -15.21 -24.81
C ASP A 63 -20.68 -14.67 -24.85
N LYS A 64 -20.49 -13.38 -25.14
CA LYS A 64 -19.13 -12.75 -25.24
C LYS A 64 -18.45 -12.74 -23.87
N SER A 65 -17.11 -12.74 -23.87
CA SER A 65 -16.26 -12.68 -22.65
C SER A 65 -16.40 -11.31 -21.98
N LEU A 66 -16.11 -11.26 -20.68
CA LEU A 66 -16.23 -10.01 -19.87
C LEU A 66 -15.21 -8.99 -20.39
N HIS A 67 -14.03 -9.44 -20.81
CA HIS A 67 -12.97 -8.58 -21.41
C HIS A 67 -13.50 -7.93 -22.69
N THR A 68 -14.11 -8.73 -23.58
CA THR A 68 -14.71 -8.25 -24.85
C THR A 68 -15.73 -7.15 -24.53
N LEU A 69 -16.72 -7.44 -23.69
CA LEU A 69 -17.85 -6.53 -23.35
C LEU A 69 -17.31 -5.24 -22.72
N PHE A 70 -16.38 -5.35 -21.76
CA PHE A 70 -15.76 -4.20 -21.06
C PHE A 70 -15.00 -3.31 -22.06
N GLY A 71 -14.10 -3.90 -22.85
CA GLY A 71 -13.21 -3.18 -23.78
C GLY A 71 -14.00 -2.51 -24.89
N ASP A 72 -14.98 -3.21 -25.45
CA ASP A 72 -15.92 -2.67 -26.48
C ASP A 72 -16.60 -1.41 -25.92
N LYS A 73 -17.06 -1.46 -24.67
CA LYS A 73 -17.81 -0.37 -23.99
C LYS A 73 -16.88 0.80 -23.68
N LEU A 74 -15.71 0.52 -23.11
CA LEU A 74 -14.66 1.53 -22.81
C LEU A 74 -14.30 2.29 -24.09
N CYS A 75 -14.28 1.61 -25.24
CA CYS A 75 -13.80 2.12 -26.55
C CYS A 75 -14.89 2.89 -27.31
N THR A 76 -16.12 2.96 -26.76
CA THR A 76 -17.26 3.74 -27.32
C THR A 76 -17.42 5.08 -26.60
N VAL A 77 -16.59 5.36 -25.59
CA VAL A 77 -16.73 6.56 -24.70
C VAL A 77 -16.39 7.81 -25.50
N ALA A 78 -17.17 8.88 -25.34
CA ALA A 78 -17.00 10.19 -26.01
C ALA A 78 -15.62 10.76 -25.65
N THR A 79 -14.94 11.35 -26.63
CA THR A 79 -13.66 12.10 -26.46
C THR A 79 -12.59 11.17 -25.86
N LEU A 80 -12.46 9.95 -26.39
CA LEU A 80 -11.46 8.96 -25.90
C LEU A 80 -10.06 9.34 -26.40
N ARG A 81 -9.91 9.56 -27.71
CA ARG A 81 -8.62 9.91 -28.36
C ARG A 81 -8.00 11.14 -27.69
N ALA A 82 -8.81 12.17 -27.42
CA ALA A 82 -8.36 13.47 -26.87
C ALA A 82 -7.95 13.29 -25.39
N THR A 83 -8.85 12.75 -24.57
CA THR A 83 -8.71 12.68 -23.09
C THR A 83 -7.80 11.50 -22.70
N TYR A 84 -7.95 10.33 -23.33
CA TYR A 84 -7.23 9.08 -22.98
C TYR A 84 -6.55 8.48 -24.23
N GLY A 85 -5.61 9.23 -24.82
CA GLY A 85 -4.88 8.86 -26.04
C GLY A 85 -4.25 7.47 -25.95
N GLU A 86 -3.76 7.10 -24.77
CA GLU A 86 -3.06 5.81 -24.51
C GLU A 86 -4.08 4.66 -24.65
N LEU A 87 -5.22 4.75 -23.96
CA LEU A 87 -6.30 3.73 -24.00
C LEU A 87 -6.88 3.64 -25.42
N ALA A 88 -6.94 4.78 -26.12
CA ALA A 88 -7.49 4.88 -27.50
C ALA A 88 -6.68 3.99 -28.46
N ASP A 89 -5.36 3.92 -28.27
CA ASP A 89 -4.45 3.08 -29.10
C ASP A 89 -4.73 1.60 -28.84
N CYS A 90 -5.08 1.24 -27.61
CA CYS A 90 -5.43 -0.15 -27.19
C CYS A 90 -6.66 -0.64 -27.95
N CYS A 91 -7.60 0.26 -28.26
CA CYS A 91 -8.94 -0.08 -28.83
C CYS A 91 -8.84 -0.66 -30.25
N GLU A 92 -7.71 -0.42 -30.94
CA GLU A 92 -7.40 -0.99 -32.28
C GLU A 92 -7.25 -2.52 -32.19
N LYS A 93 -6.83 -3.03 -31.04
CA LYS A 93 -6.40 -4.44 -30.82
C LYS A 93 -7.60 -5.34 -30.49
N GLN A 94 -7.45 -6.65 -30.77
CA GLN A 94 -8.38 -7.73 -30.37
C GLN A 94 -8.02 -8.19 -28.96
N GLU A 95 -8.88 -8.98 -28.31
CA GLU A 95 -8.57 -9.69 -27.04
C GLU A 95 -7.77 -10.95 -27.36
N PRO A 96 -6.86 -11.41 -26.46
CA PRO A 96 -6.60 -10.78 -25.17
C PRO A 96 -5.58 -9.62 -25.17
N GLU A 97 -5.03 -9.27 -26.34
CA GLU A 97 -4.01 -8.18 -26.50
C GLU A 97 -4.57 -6.85 -25.96
N ARG A 98 -5.86 -6.57 -26.18
CA ARG A 98 -6.47 -5.25 -25.88
C ARG A 98 -6.52 -5.02 -24.36
N ASN A 99 -6.99 -6.01 -23.60
CA ASN A 99 -7.08 -5.91 -22.12
C ASN A 99 -5.67 -5.74 -21.54
N GLU A 100 -4.69 -6.44 -22.11
CA GLU A 100 -3.25 -6.35 -21.73
C GLU A 100 -2.74 -4.92 -21.97
N CYS A 101 -3.15 -4.29 -23.07
CA CYS A 101 -2.81 -2.89 -23.44
C CYS A 101 -3.42 -1.95 -22.40
N PHE A 102 -4.72 -2.11 -22.09
CA PHE A 102 -5.44 -1.33 -21.05
C PHE A 102 -4.63 -1.34 -19.74
N LEU A 103 -4.26 -2.53 -19.27
CA LEU A 103 -3.55 -2.72 -17.97
C LEU A 103 -2.21 -1.97 -17.98
N THR A 104 -1.49 -2.02 -19.10
CA THR A 104 -0.17 -1.34 -19.30
C THR A 104 -0.33 0.18 -19.14
N HIS A 105 -1.43 0.75 -19.64
CA HIS A 105 -1.61 2.22 -19.79
C HIS A 105 -2.67 2.74 -18.81
N LYS A 106 -2.91 2.00 -17.73
CA LYS A 106 -3.71 2.45 -16.56
C LYS A 106 -2.92 3.52 -15.81
N ASP A 107 -3.44 4.74 -15.74
CA ASP A 107 -2.75 5.91 -15.14
C ASP A 107 -2.64 5.70 -13.63
N ASP A 108 -1.41 5.61 -13.11
CA ASP A 108 -1.13 5.18 -11.71
C ASP A 108 -1.53 6.29 -10.72
N HIS A 109 -0.98 7.49 -10.88
CA HIS A 109 -1.35 8.70 -10.09
C HIS A 109 -2.00 9.73 -11.02
N PRO A 110 -3.33 9.96 -10.90
CA PRO A 110 -4.04 10.84 -11.82
C PRO A 110 -3.86 12.34 -11.53
N ASN A 111 -3.46 12.69 -10.31
CA ASN A 111 -3.23 14.08 -9.84
C ASN A 111 -4.57 14.85 -9.91
N LEU A 112 -5.56 14.39 -9.13
CA LEU A 112 -6.88 15.04 -8.92
C LEU A 112 -6.84 15.80 -7.59
N PRO A 113 -7.77 16.74 -7.34
CA PRO A 113 -7.80 17.46 -6.06
C PRO A 113 -8.13 16.54 -4.87
N LYS A 114 -7.55 16.84 -3.70
CA LYS A 114 -7.81 16.12 -2.42
C LYS A 114 -9.29 16.20 -2.08
N LEU A 115 -9.87 15.12 -1.55
CA LEU A 115 -11.31 15.04 -1.18
C LEU A 115 -11.53 15.75 0.16
N LYS A 116 -12.24 16.88 0.13
CA LYS A 116 -12.55 17.73 1.32
C LYS A 116 -13.99 17.46 1.75
N PRO A 117 -14.23 16.92 2.97
CA PRO A 117 -15.59 16.72 3.48
C PRO A 117 -16.42 18.01 3.51
N GLU A 118 -17.69 17.92 3.09
CA GLU A 118 -18.69 19.03 3.11
C GLU A 118 -19.91 18.57 3.91
N PRO A 119 -19.82 18.55 5.26
CA PRO A 119 -20.86 17.95 6.11
C PRO A 119 -22.31 18.34 5.78
N ASP A 120 -22.56 19.61 5.48
CA ASP A 120 -23.92 20.17 5.24
C ASP A 120 -24.44 19.68 3.88
N ALA A 121 -23.64 19.85 2.82
CA ALA A 121 -24.01 19.56 1.42
C ALA A 121 -24.08 18.05 1.18
N GLN A 122 -23.22 17.27 1.83
CA GLN A 122 -23.11 15.79 1.62
C GLN A 122 -24.25 15.08 2.34
N CYS A 123 -24.60 15.50 3.56
CA CYS A 123 -25.80 15.03 4.31
C CYS A 123 -27.06 15.30 3.47
N ALA A 124 -27.14 16.48 2.85
CA ALA A 124 -28.25 16.89 1.96
C ALA A 124 -28.35 15.93 0.77
N ALA A 125 -27.24 15.72 0.04
CA ALA A 125 -27.12 14.81 -1.11
C ALA A 125 -27.46 13.37 -0.67
N PHE A 126 -27.01 12.98 0.53
CA PHE A 126 -27.23 11.63 1.12
C PHE A 126 -28.73 11.39 1.36
N GLN A 127 -29.39 12.33 2.04
CA GLN A 127 -30.83 12.28 2.39
C GLN A 127 -31.65 12.27 1.09
N GLU A 128 -31.25 13.10 0.11
CA GLU A 128 -31.88 13.21 -1.25
C GLU A 128 -31.93 11.83 -1.92
N ASP A 129 -30.76 11.20 -2.11
CA ASP A 129 -30.61 9.87 -2.77
C ASP A 129 -29.35 9.20 -2.23
N PRO A 130 -29.45 8.27 -1.25
CA PRO A 130 -28.26 7.65 -0.66
C PRO A 130 -27.50 6.75 -1.65
N ASP A 131 -28.22 6.00 -2.49
CA ASP A 131 -27.63 5.08 -3.52
C ASP A 131 -26.65 5.87 -4.40
N LYS A 132 -27.08 7.02 -4.92
CA LYS A 132 -26.26 7.92 -5.78
C LYS A 132 -25.12 8.53 -4.96
N PHE A 133 -25.38 8.81 -3.68
CA PHE A 133 -24.39 9.40 -2.73
C PHE A 133 -23.26 8.39 -2.48
N LEU A 134 -23.60 7.12 -2.30
CA LEU A 134 -22.62 6.00 -2.15
C LEU A 134 -21.90 5.79 -3.49
N GLY A 135 -22.65 5.77 -4.60
CA GLY A 135 -22.09 5.68 -5.95
C GLY A 135 -20.97 6.69 -6.14
N LYS A 136 -21.21 7.95 -5.74
CA LYS A 136 -20.26 9.08 -5.93
C LYS A 136 -18.96 8.79 -5.16
N TYR A 137 -19.07 8.24 -3.94
CA TYR A 137 -17.93 7.85 -3.08
C TYR A 137 -17.07 6.80 -3.79
N LEU A 138 -17.71 5.73 -4.29
CA LEU A 138 -17.01 4.66 -5.06
C LEU A 138 -16.25 5.31 -6.21
N TYR A 139 -16.93 6.17 -6.98
CA TYR A 139 -16.38 6.90 -8.15
C TYR A 139 -15.14 7.71 -7.74
N GLU A 140 -15.27 8.56 -6.71
CA GLU A 140 -14.22 9.53 -6.29
C GLU A 140 -12.98 8.76 -5.79
N VAL A 141 -13.17 7.66 -5.07
CA VAL A 141 -12.05 6.88 -4.46
C VAL A 141 -11.42 6.02 -5.56
N ALA A 142 -12.23 5.35 -6.39
CA ALA A 142 -11.79 4.46 -7.47
C ALA A 142 -10.86 5.21 -8.44
N ARG A 143 -11.23 6.43 -8.84
CA ARG A 143 -10.49 7.17 -9.89
C ARG A 143 -9.20 7.78 -9.30
N ARG A 144 -9.08 7.84 -7.97
CA ARG A 144 -7.86 8.32 -7.26
C ARG A 144 -6.95 7.15 -6.87
N HIS A 145 -7.48 5.92 -6.85
CA HIS A 145 -6.74 4.67 -6.48
C HIS A 145 -7.08 3.58 -7.50
N PRO A 146 -6.44 3.59 -8.69
CA PRO A 146 -6.84 2.72 -9.78
C PRO A 146 -6.65 1.20 -9.55
N TYR A 147 -5.90 0.81 -8.51
CA TYR A 147 -5.61 -0.61 -8.18
C TYR A 147 -6.31 -1.02 -6.87
N PHE A 148 -7.25 -0.22 -6.38
CA PHE A 148 -8.03 -0.52 -5.16
C PHE A 148 -8.93 -1.73 -5.42
N TYR A 149 -8.92 -2.71 -4.51
CA TYR A 149 -9.72 -3.96 -4.59
C TYR A 149 -11.21 -3.62 -4.54
N GLY A 150 -11.93 -3.95 -5.61
CA GLY A 150 -13.38 -3.67 -5.78
C GLY A 150 -14.18 -4.05 -4.54
N PRO A 151 -14.20 -5.34 -4.14
CA PRO A 151 -15.00 -5.78 -2.98
C PRO A 151 -14.63 -5.04 -1.69
N GLU A 152 -13.34 -4.73 -1.46
CA GLU A 152 -12.87 -4.01 -0.25
C GLU A 152 -13.42 -2.58 -0.25
N LEU A 153 -13.49 -1.95 -1.43
CA LEU A 153 -13.98 -0.55 -1.58
C LEU A 153 -15.48 -0.50 -1.28
N LEU A 154 -16.23 -1.54 -1.64
CA LEU A 154 -17.68 -1.67 -1.32
C LEU A 154 -17.87 -1.68 0.19
N PHE A 155 -16.97 -2.35 0.93
CA PHE A 155 -17.01 -2.45 2.40
C PHE A 155 -16.79 -1.06 3.01
N HIS A 156 -15.79 -0.33 2.50
CA HIS A 156 -15.43 1.05 2.96
C HIS A 156 -16.61 1.99 2.70
N ALA A 157 -17.36 1.77 1.61
CA ALA A 157 -18.57 2.53 1.25
C ALA A 157 -19.65 2.34 2.33
N GLU A 158 -19.75 1.14 2.92
CA GLU A 158 -20.71 0.82 4.02
C GLU A 158 -20.33 1.62 5.27
N GLU A 159 -19.04 1.70 5.61
CA GLU A 159 -18.51 2.46 6.77
C GLU A 159 -18.81 3.94 6.57
N TYR A 160 -18.57 4.45 5.36
CA TYR A 160 -18.89 5.82 4.90
C TYR A 160 -20.40 6.08 5.11
N LYS A 161 -21.24 5.16 4.66
CA LYS A 161 -22.73 5.23 4.81
C LYS A 161 -23.08 5.31 6.30
N ALA A 162 -22.56 4.37 7.11
CA ALA A 162 -22.84 4.23 8.55
C ALA A 162 -22.59 5.58 9.26
N ASP A 163 -21.47 6.24 8.93
CA ASP A 163 -21.08 7.56 9.51
C ASP A 163 -22.17 8.59 9.21
N PHE A 164 -22.61 8.66 7.94
CA PHE A 164 -23.55 9.70 7.43
C PHE A 164 -24.99 9.44 7.93
N THR A 165 -25.34 8.19 8.26
CA THR A 165 -26.64 7.83 8.89
C THR A 165 -26.65 8.25 10.36
N GLU A 166 -25.48 8.31 10.99
CA GLU A 166 -25.31 8.53 12.46
C GLU A 166 -25.20 10.03 12.78
N CYS A 167 -24.61 10.82 11.89
CA CYS A 167 -24.19 12.23 12.15
C CYS A 167 -25.19 13.24 11.58
N CYS A 168 -25.81 12.95 10.42
CA CYS A 168 -26.81 13.83 9.76
C CYS A 168 -28.02 14.06 10.66
N PRO A 169 -28.54 13.02 11.40
CA PRO A 169 -29.58 13.25 12.40
C PRO A 169 -29.17 14.21 13.53
N ALA A 170 -27.89 14.18 13.94
CA ALA A 170 -27.32 15.01 15.02
C ALA A 170 -27.38 16.50 14.65
N ASP A 171 -27.55 17.37 15.65
CA ASP A 171 -27.67 18.84 15.47
C ASP A 171 -26.36 19.36 14.88
N ASP A 172 -25.24 19.11 15.55
CA ASP A 172 -23.87 19.41 15.06
C ASP A 172 -23.43 18.26 14.15
N LYS A 173 -23.04 18.56 12.90
CA LYS A 173 -22.62 17.57 11.86
C LYS A 173 -21.09 17.57 11.75
N LEU A 174 -20.49 18.73 11.50
CA LEU A 174 -19.03 18.92 11.25
C LEU A 174 -18.23 18.17 12.32
N ALA A 175 -18.54 18.41 13.59
CA ALA A 175 -17.84 17.83 14.78
C ALA A 175 -17.99 16.30 14.79
N CYS A 176 -19.16 15.79 14.38
CA CYS A 176 -19.50 14.35 14.34
C CYS A 176 -18.72 13.64 13.22
N LEU A 177 -18.78 14.19 12.01
CA LEU A 177 -18.36 13.49 10.75
C LEU A 177 -16.83 13.55 10.57
N ILE A 178 -16.22 14.73 10.72
CA ILE A 178 -14.81 15.01 10.33
C ILE A 178 -13.87 13.98 10.96
N PRO A 179 -13.87 13.75 12.29
CA PRO A 179 -12.95 12.78 12.90
C PRO A 179 -13.22 11.32 12.52
N LYS A 180 -14.42 11.02 12.00
CA LYS A 180 -14.79 9.68 11.47
C LYS A 180 -14.35 9.57 10.01
N LEU A 181 -14.62 10.62 9.20
CA LEU A 181 -14.24 10.67 7.76
C LEU A 181 -12.72 10.79 7.64
N ASP A 182 -12.05 11.47 8.59
CA ASP A 182 -10.57 11.53 8.70
C ASP A 182 -10.04 10.12 8.99
N ALA A 183 -10.70 9.39 9.90
CA ALA A 183 -10.37 8.01 10.29
C ALA A 183 -10.54 7.09 9.07
N LEU A 184 -11.65 7.23 8.34
CA LEU A 184 -11.96 6.42 7.13
C LEU A 184 -10.92 6.70 6.04
N LYS A 185 -10.43 7.94 5.93
CA LYS A 185 -9.47 8.36 4.87
C LYS A 185 -8.12 7.67 5.10
N GLU A 186 -7.69 7.53 6.36
CA GLU A 186 -6.45 6.80 6.74
C GLU A 186 -6.59 5.33 6.35
N ARG A 187 -7.71 4.70 6.70
CA ARG A 187 -7.99 3.27 6.43
C ARG A 187 -7.95 3.03 4.92
N ILE A 188 -8.55 3.93 4.12
CA ILE A 188 -8.52 3.89 2.63
C ILE A 188 -7.08 3.93 2.14
N LEU A 189 -6.26 4.84 2.68
CA LEU A 189 -4.84 5.04 2.29
C LEU A 189 -4.04 3.76 2.55
N LEU A 190 -4.24 3.14 3.73
CA LEU A 190 -3.53 1.90 4.16
C LEU A 190 -4.02 0.71 3.33
N SER A 191 -5.34 0.53 3.23
CA SER A 191 -6.00 -0.56 2.47
C SER A 191 -5.55 -0.50 0.99
N SER A 192 -5.59 0.70 0.40
CA SER A 192 -5.10 1.01 -0.98
C SER A 192 -3.62 0.63 -1.12
N ALA A 193 -2.82 0.89 -0.08
CA ALA A 193 -1.35 0.72 -0.05
C ALA A 193 -1.01 -0.77 0.00
N LYS A 194 -1.64 -1.51 0.92
CA LYS A 194 -1.48 -2.98 1.07
C LYS A 194 -1.75 -3.65 -0.28
N GLU A 195 -2.84 -3.24 -0.95
CA GLU A 195 -3.32 -3.83 -2.22
C GLU A 195 -2.40 -3.43 -3.38
N ARG A 196 -1.88 -2.20 -3.36
CA ARG A 196 -0.93 -1.70 -4.40
C ARG A 196 0.37 -2.51 -4.34
N LEU A 197 0.78 -2.95 -3.14
CA LEU A 197 1.98 -3.78 -2.90
C LEU A 197 1.78 -5.16 -3.55
N LYS A 198 0.58 -5.74 -3.42
CA LYS A 198 0.23 -7.06 -4.01
C LYS A 198 0.31 -6.98 -5.53
N CYS A 199 -0.33 -5.97 -6.14
CA CYS A 199 -0.36 -5.76 -7.60
C CYS A 199 1.06 -5.43 -8.10
N SER A 200 1.78 -4.58 -7.36
CA SER A 200 3.21 -4.21 -7.61
C SER A 200 4.06 -5.49 -7.62
N SER A 201 3.89 -6.35 -6.62
CA SER A 201 4.63 -7.63 -6.44
C SER A 201 4.42 -8.53 -7.67
N PHE A 202 3.16 -8.66 -8.13
CA PHE A 202 2.79 -9.36 -9.38
C PHE A 202 3.48 -8.71 -10.57
N GLN A 203 3.37 -7.38 -10.67
CA GLN A 203 3.87 -6.54 -11.79
C GLN A 203 5.40 -6.66 -11.91
N ASN A 204 6.11 -6.74 -10.77
CA ASN A 204 7.58 -6.53 -10.68
C ASN A 204 8.33 -7.83 -10.44
N PHE A 205 7.76 -8.82 -9.74
CA PHE A 205 8.46 -10.05 -9.30
C PHE A 205 7.69 -11.33 -9.68
N GLY A 206 6.45 -11.22 -10.14
CA GLY A 206 5.64 -12.35 -10.63
C GLY A 206 4.90 -13.07 -9.50
N GLU A 207 4.25 -14.18 -9.83
CA GLU A 207 3.26 -14.90 -8.98
C GLU A 207 3.98 -15.64 -7.84
N ARG A 208 5.14 -16.24 -8.10
CA ARG A 208 5.91 -17.05 -7.12
C ARG A 208 6.26 -16.21 -5.88
N ALA A 209 6.49 -14.91 -6.07
CA ALA A 209 6.84 -13.94 -4.99
C ALA A 209 5.61 -13.64 -4.14
N VAL A 210 4.44 -13.49 -4.77
CA VAL A 210 3.13 -13.25 -4.09
C VAL A 210 2.75 -14.48 -3.25
N LYS A 211 2.93 -15.69 -3.79
CA LYS A 211 2.65 -16.97 -3.09
C LYS A 211 3.51 -17.05 -1.82
N ALA A 212 4.82 -16.83 -1.94
CA ALA A 212 5.80 -16.93 -0.81
C ALA A 212 5.45 -15.90 0.26
N TRP A 213 5.08 -14.69 -0.13
CA TRP A 213 4.67 -13.61 0.81
CA TRP A 213 4.66 -13.61 0.80
C TRP A 213 3.41 -14.05 1.57
N SER A 214 2.40 -14.55 0.83
CA SER A 214 1.10 -15.01 1.37
C SER A 214 1.31 -16.19 2.33
N VAL A 215 2.12 -17.18 1.92
CA VAL A 215 2.45 -18.37 2.77
C VAL A 215 2.99 -17.87 4.11
N ALA A 216 3.99 -16.99 4.08
CA ALA A 216 4.64 -16.39 5.27
C ALA A 216 3.60 -15.72 6.17
N ARG A 217 2.72 -14.89 5.59
CA ARG A 217 1.77 -14.03 6.34
C ARG A 217 0.63 -14.90 6.92
N LEU A 218 0.02 -15.77 6.11
CA LEU A 218 -1.13 -16.62 6.53
C LEU A 218 -0.67 -17.62 7.60
N SER A 219 0.57 -18.14 7.48
CA SER A 219 1.19 -19.07 8.45
C SER A 219 1.33 -18.38 9.82
N GLN A 220 1.71 -17.10 9.82
CA GLN A 220 1.78 -16.23 11.03
C GLN A 220 0.38 -16.03 11.62
N LYS A 221 -0.60 -15.73 10.78
CA LYS A 221 -2.00 -15.45 11.21
C LYS A 221 -2.66 -16.74 11.71
N PHE A 222 -2.44 -17.86 11.01
CA PHE A 222 -3.13 -19.16 11.23
C PHE A 222 -2.13 -20.26 11.57
N PRO A 223 -1.39 -20.15 12.71
CA PRO A 223 -0.38 -21.15 13.06
C PRO A 223 -0.95 -22.53 13.46
N LYS A 224 -2.27 -22.60 13.72
CA LYS A 224 -3.02 -23.85 14.01
C LYS A 224 -3.20 -24.68 12.73
N ALA A 225 -3.42 -24.01 11.59
CA ALA A 225 -3.67 -24.63 10.27
C ALA A 225 -2.48 -25.50 9.86
N ASP A 226 -2.74 -26.63 9.19
CA ASP A 226 -1.69 -27.52 8.64
C ASP A 226 -1.29 -27.01 7.25
N PHE A 227 -0.15 -27.48 6.73
CA PHE A 227 0.49 -27.04 5.46
C PHE A 227 -0.51 -27.12 4.30
N ALA A 228 -1.28 -28.21 4.21
CA ALA A 228 -2.26 -28.48 3.14
C ALA A 228 -3.42 -27.48 3.21
N GLU A 229 -3.70 -26.93 4.40
CA GLU A 229 -4.77 -25.93 4.62
C GLU A 229 -4.28 -24.56 4.14
N VAL A 230 -3.08 -24.16 4.59
CA VAL A 230 -2.43 -22.87 4.21
C VAL A 230 -2.27 -22.84 2.68
N SER A 231 -1.74 -23.92 2.09
CA SER A 231 -1.56 -24.08 0.62
C SER A 231 -2.89 -23.79 -0.09
N LYS A 232 -3.98 -24.40 0.37
CA LYS A 232 -5.34 -24.26 -0.22
C LYS A 232 -5.76 -22.78 -0.19
N ILE A 233 -5.62 -22.13 0.96
CA ILE A 233 -6.01 -20.70 1.15
C ILE A 233 -5.12 -19.82 0.26
N VAL A 234 -3.80 -20.04 0.28
CA VAL A 234 -2.79 -19.26 -0.48
C VAL A 234 -3.10 -19.36 -1.98
N THR A 235 -3.37 -20.58 -2.46
CA THR A 235 -3.74 -20.88 -3.87
C THR A 235 -4.95 -20.03 -4.28
N ASP A 236 -6.03 -20.10 -3.50
CA ASP A 236 -7.32 -19.40 -3.79
C ASP A 236 -7.12 -17.89 -3.66
N LEU A 237 -6.40 -17.44 -2.63
CA LEU A 237 -6.17 -15.99 -2.33
C LEU A 237 -5.33 -15.34 -3.44
N THR A 238 -4.32 -16.04 -3.95
CA THR A 238 -3.42 -15.57 -5.04
C THR A 238 -4.26 -15.30 -6.30
N LYS A 239 -5.13 -16.24 -6.68
CA LYS A 239 -6.05 -16.11 -7.84
C LYS A 239 -6.95 -14.89 -7.63
N VAL A 240 -7.48 -14.71 -6.42
CA VAL A 240 -8.28 -13.52 -6.01
C VAL A 240 -7.44 -12.26 -6.26
N HIS A 241 -6.24 -12.19 -5.69
CA HIS A 241 -5.31 -11.04 -5.80
C HIS A 241 -4.99 -10.77 -7.27
N LYS A 242 -4.71 -11.81 -8.05
CA LYS A 242 -4.35 -11.69 -9.49
C LYS A 242 -5.51 -11.05 -10.24
N GLU A 243 -6.73 -11.54 -10.03
CA GLU A 243 -7.96 -11.10 -10.73
C GLU A 243 -8.25 -9.62 -10.41
N CYS A 244 -8.24 -9.25 -9.13
CA CYS A 244 -8.57 -7.87 -8.66
C CYS A 244 -7.52 -6.88 -9.17
N CYS A 245 -6.27 -7.30 -9.25
CA CYS A 245 -5.11 -6.47 -9.71
C CYS A 245 -5.18 -6.26 -11.22
N HIS A 246 -5.76 -7.22 -11.96
CA HIS A 246 -5.84 -7.23 -13.44
C HIS A 246 -7.21 -6.73 -13.92
N GLY A 247 -7.98 -6.08 -13.04
CA GLY A 247 -9.24 -5.39 -13.38
C GLY A 247 -10.41 -6.35 -13.59
N ASP A 248 -10.27 -7.61 -13.17
CA ASP A 248 -11.35 -8.64 -13.24
C ASP A 248 -12.13 -8.59 -11.92
N LEU A 249 -12.81 -7.47 -11.65
CA LEU A 249 -13.49 -7.15 -10.37
C LEU A 249 -14.64 -8.13 -10.12
N LEU A 250 -15.44 -8.44 -11.16
CA LEU A 250 -16.61 -9.35 -11.06
C LEU A 250 -16.13 -10.74 -10.64
N GLU A 251 -15.21 -11.35 -11.40
CA GLU A 251 -14.58 -12.66 -11.07
C GLU A 251 -13.97 -12.61 -9.67
N CYS A 252 -13.31 -11.49 -9.34
CA CYS A 252 -12.56 -11.29 -8.06
C CYS A 252 -13.51 -11.26 -6.87
N ALA A 253 -14.60 -10.47 -6.95
CA ALA A 253 -15.62 -10.33 -5.89
C ALA A 253 -16.21 -11.70 -5.56
N ASP A 254 -16.45 -12.51 -6.60
CA ASP A 254 -17.10 -13.84 -6.50
C ASP A 254 -16.15 -14.83 -5.81
N ASP A 255 -14.89 -14.87 -6.25
CA ASP A 255 -13.85 -15.81 -5.74
C ASP A 255 -13.46 -15.45 -4.30
N ARG A 256 -13.46 -14.16 -3.96
CA ARG A 256 -13.16 -13.65 -2.60
C ARG A 256 -14.26 -14.08 -1.64
N ALA A 257 -15.52 -13.95 -2.05
CA ALA A 257 -16.71 -14.34 -1.27
C ALA A 257 -16.67 -15.85 -0.98
N ASP A 258 -16.34 -16.66 -2.00
CA ASP A 258 -16.20 -18.14 -1.92
C ASP A 258 -15.11 -18.52 -0.92
N LEU A 259 -13.95 -17.86 -0.97
CA LEU A 259 -12.81 -18.13 -0.06
C LEU A 259 -13.22 -17.80 1.38
N ALA A 260 -13.87 -16.66 1.59
CA ALA A 260 -14.38 -16.23 2.92
C ALA A 260 -15.36 -17.28 3.46
N LYS A 261 -16.21 -17.83 2.58
CA LYS A 261 -17.20 -18.89 2.90
C LYS A 261 -16.46 -20.18 3.30
N TYR A 262 -15.36 -20.51 2.61
CA TYR A 262 -14.53 -21.71 2.89
C TYR A 262 -13.83 -21.56 4.24
N ILE A 263 -13.16 -20.42 4.46
CA ILE A 263 -12.37 -20.16 5.70
C ILE A 263 -13.31 -20.30 6.90
N CYS A 264 -14.52 -19.75 6.81
CA CYS A 264 -15.51 -19.70 7.93
C CYS A 264 -16.16 -21.08 8.14
N GLU A 265 -16.33 -21.86 7.08
CA GLU A 265 -16.85 -23.26 7.16
C GLU A 265 -15.81 -24.13 7.89
N HIS A 266 -14.53 -23.96 7.55
CA HIS A 266 -13.38 -24.73 8.10
C HIS A 266 -12.68 -23.91 9.20
N GLN A 267 -13.44 -23.12 9.94
CA GLN A 267 -12.96 -22.11 10.92
C GLN A 267 -12.19 -22.80 12.07
N ASP A 268 -12.71 -23.92 12.58
CA ASP A 268 -12.20 -24.60 13.79
C ASP A 268 -10.75 -25.09 13.57
N SER A 269 -10.44 -25.61 12.38
CA SER A 269 -9.10 -26.15 12.02
C SER A 269 -8.17 -25.05 11.45
N ILE A 270 -8.62 -23.80 11.38
CA ILE A 270 -7.80 -22.68 10.81
C ILE A 270 -7.37 -21.72 11.92
N SER A 271 -8.30 -21.19 12.71
CA SER A 271 -8.03 -20.23 13.81
C SER A 271 -9.26 -20.03 14.70
N GLY A 272 -9.04 -19.87 16.01
CA GLY A 272 -10.09 -19.57 17.00
C GLY A 272 -10.43 -18.09 17.05
N LYS A 273 -9.79 -17.25 16.21
CA LYS A 273 -9.96 -15.78 16.18
C LYS A 273 -10.98 -15.38 15.11
N LEU A 274 -11.45 -16.34 14.31
CA LEU A 274 -12.33 -16.12 13.12
C LEU A 274 -13.81 -16.18 13.52
N LYS A 275 -14.12 -16.42 14.80
CA LYS A 275 -15.52 -16.54 15.30
C LYS A 275 -16.26 -15.20 15.12
N ALA A 276 -15.62 -14.09 15.51
CA ALA A 276 -16.17 -12.72 15.41
C ALA A 276 -16.40 -12.37 13.94
N CYS A 277 -15.40 -12.63 13.09
CA CYS A 277 -15.42 -12.34 11.63
C CYS A 277 -16.54 -13.11 10.93
N CYS A 278 -16.77 -14.38 11.32
CA CYS A 278 -17.59 -15.34 10.54
C CYS A 278 -19.09 -15.21 10.86
N ASP A 279 -19.45 -14.46 11.92
CA ASP A 279 -20.86 -14.18 12.30
C ASP A 279 -21.22 -12.75 11.90
N LYS A 280 -20.76 -12.30 10.72
CA LYS A 280 -20.96 -10.93 10.18
C LYS A 280 -21.49 -11.02 8.76
N PRO A 281 -22.08 -9.93 8.20
CA PRO A 281 -22.47 -9.89 6.79
C PRO A 281 -21.29 -10.06 5.82
N LEU A 282 -21.59 -10.14 4.52
CA LEU A 282 -20.68 -10.64 3.44
C LEU A 282 -19.38 -9.81 3.38
N LEU A 283 -19.48 -8.50 3.13
CA LEU A 283 -18.31 -7.62 2.88
C LEU A 283 -17.55 -7.40 4.18
N GLN A 284 -18.25 -7.29 5.31
CA GLN A 284 -17.65 -7.09 6.66
C GLN A 284 -16.86 -8.34 7.03
N LYS A 285 -17.35 -9.53 6.65
CA LYS A 285 -16.74 -10.85 6.97
C LYS A 285 -15.37 -10.95 6.29
N SER A 286 -15.32 -10.73 4.98
CA SER A 286 -14.09 -10.77 4.14
C SER A 286 -13.04 -9.82 4.74
N HIS A 287 -13.46 -8.58 5.05
CA HIS A 287 -12.58 -7.50 5.59
C HIS A 287 -12.02 -7.91 6.95
N CYS A 288 -12.86 -8.50 7.80
CA CYS A 288 -12.50 -8.94 9.18
C CYS A 288 -11.44 -10.04 9.11
N ILE A 289 -11.62 -11.03 8.22
CA ILE A 289 -10.67 -12.16 7.99
C ILE A 289 -9.30 -11.58 7.59
N ALA A 290 -9.30 -10.61 6.68
CA ALA A 290 -8.11 -9.95 6.10
C ALA A 290 -7.32 -9.20 7.18
N GLU A 291 -8.00 -8.69 8.22
CA GLU A 291 -7.39 -7.88 9.30
C GLU A 291 -7.38 -8.67 10.62
N VAL A 292 -7.63 -9.98 10.58
CA VAL A 292 -7.83 -10.84 11.79
C VAL A 292 -6.51 -10.87 12.59
N LYS A 293 -6.62 -10.76 13.92
CA LYS A 293 -5.46 -10.89 14.84
C LYS A 293 -4.87 -12.30 14.66
N GLU A 294 -3.53 -12.41 14.76
CA GLU A 294 -2.80 -13.70 14.74
C GLU A 294 -3.33 -14.59 15.88
N ASP A 295 -3.52 -15.87 15.60
CA ASP A 295 -3.99 -16.87 16.60
C ASP A 295 -2.87 -17.10 17.61
N ASP A 296 -3.21 -17.59 18.81
CA ASP A 296 -2.22 -17.95 19.86
C ASP A 296 -1.34 -19.09 19.32
N LEU A 297 -0.05 -19.07 19.68
CA LEU A 297 0.92 -20.14 19.29
C LEU A 297 0.41 -21.48 19.82
N PRO A 298 0.30 -22.52 18.97
CA PRO A 298 0.04 -23.87 19.47
C PRO A 298 1.20 -24.35 20.35
N SER A 299 0.90 -25.09 21.42
CA SER A 299 1.91 -25.64 22.36
C SER A 299 2.72 -26.74 21.66
N ASP A 300 2.16 -27.35 20.60
CA ASP A 300 2.68 -28.59 19.95
C ASP A 300 3.43 -28.25 18.66
N LEU A 301 3.83 -26.99 18.44
CA LEU A 301 4.68 -26.61 17.29
C LEU A 301 5.94 -27.46 17.31
N PRO A 302 6.32 -28.11 16.19
CA PRO A 302 7.43 -29.07 16.21
C PRO A 302 8.79 -28.36 16.16
N ALA A 303 9.81 -28.96 16.79
CA ALA A 303 11.23 -28.58 16.67
C ALA A 303 11.66 -28.81 15.22
N LEU A 304 12.27 -27.80 14.58
CA LEU A 304 12.59 -27.79 13.13
C LEU A 304 14.03 -28.27 12.89
N ALA A 305 14.87 -28.27 13.92
CA ALA A 305 16.30 -28.66 13.83
C ALA A 305 16.43 -30.06 13.21
N ALA A 306 15.58 -31.01 13.62
CA ALA A 306 15.58 -32.41 13.18
C ALA A 306 15.45 -32.48 11.64
N ASP A 307 14.42 -31.85 11.07
CA ASP A 307 14.06 -31.97 9.64
C ASP A 307 14.95 -31.06 8.77
N PHE A 308 15.31 -29.87 9.25
CA PHE A 308 15.88 -28.78 8.42
C PHE A 308 17.37 -28.53 8.71
N ALA A 309 17.94 -29.15 9.75
CA ALA A 309 19.36 -28.97 10.13
C ALA A 309 20.09 -30.31 10.32
N GLU A 310 19.50 -31.26 11.05
CA GLU A 310 20.20 -32.47 11.58
C GLU A 310 20.06 -33.67 10.63
N ASP A 311 18.95 -33.77 9.88
CA ASP A 311 18.62 -34.92 8.99
C ASP A 311 19.74 -35.10 7.95
N LYS A 312 20.17 -36.35 7.77
CA LYS A 312 21.38 -36.73 6.98
C LYS A 312 21.12 -36.71 5.48
N GLU A 313 19.86 -36.58 5.04
CA GLU A 313 19.47 -36.68 3.60
C GLU A 313 18.74 -35.41 3.17
N ILE A 314 19.10 -34.25 3.72
CA ILE A 314 18.48 -32.93 3.38
C ILE A 314 18.83 -32.57 1.93
N CYS A 315 20.08 -32.77 1.52
CA CYS A 315 20.56 -32.55 0.13
C CYS A 315 19.71 -33.37 -0.85
N LYS A 316 19.37 -34.61 -0.50
CA LYS A 316 18.44 -35.47 -1.28
C LYS A 316 17.06 -34.79 -1.33
N HIS A 317 16.52 -34.38 -0.17
CA HIS A 317 15.20 -33.73 -0.03
C HIS A 317 15.17 -32.43 -0.85
N TYR A 318 16.26 -31.65 -0.77
CA TYR A 318 16.42 -30.33 -1.45
C TYR A 318 16.41 -30.56 -2.98
N LYS A 319 17.29 -31.44 -3.48
CA LYS A 319 17.45 -31.73 -4.94
C LYS A 319 16.12 -32.26 -5.50
N ASP A 320 15.58 -33.33 -4.90
CA ASP A 320 14.38 -34.05 -5.41
C ASP A 320 13.12 -33.25 -5.10
N ALA A 321 12.73 -33.16 -3.82
CA ALA A 321 11.46 -32.59 -3.34
C ALA A 321 11.64 -31.13 -2.93
N LYS A 322 12.12 -30.27 -3.85
CA LYS A 322 12.61 -28.90 -3.56
C LYS A 322 11.46 -27.98 -3.11
N ASP A 323 10.45 -27.80 -3.97
CA ASP A 323 9.32 -26.84 -3.77
C ASP A 323 8.62 -27.12 -2.44
N VAL A 324 8.37 -28.41 -2.16
CA VAL A 324 7.67 -28.90 -0.95
C VAL A 324 8.55 -28.64 0.28
N PHE A 325 9.84 -28.95 0.18
CA PHE A 325 10.84 -28.85 1.28
C PHE A 325 11.00 -27.39 1.72
N LEU A 326 11.25 -26.48 0.76
CA LEU A 326 11.42 -25.03 1.03
C LEU A 326 10.08 -24.43 1.46
N GLY A 327 8.98 -24.86 0.82
CA GLY A 327 7.61 -24.44 1.17
C GLY A 327 7.28 -24.79 2.61
N THR A 328 7.60 -26.01 3.03
CA THR A 328 7.34 -26.54 4.40
C THR A 328 8.17 -25.74 5.40
N PHE A 329 9.45 -25.49 5.10
CA PHE A 329 10.37 -24.67 5.94
C PHE A 329 9.75 -23.29 6.18
N LEU A 330 9.38 -22.59 5.10
CA LEU A 330 8.81 -21.21 5.16
C LEU A 330 7.52 -21.25 5.99
N TYR A 331 6.65 -22.23 5.73
CA TYR A 331 5.38 -22.43 6.46
C TYR A 331 5.70 -22.58 7.96
N GLU A 332 6.58 -23.53 8.30
CA GLU A 332 6.88 -23.90 9.71
C GLU A 332 7.57 -22.74 10.43
N TYR A 333 8.57 -22.12 9.80
CA TYR A 333 9.38 -21.04 10.41
C TYR A 333 8.50 -19.81 10.65
N SER A 334 7.54 -19.54 9.77
CA SER A 334 6.62 -18.38 9.81
C SER A 334 5.64 -18.53 10.98
N ARG A 335 5.07 -19.72 11.19
CA ARG A 335 4.10 -20.05 12.26
C ARG A 335 4.63 -19.58 13.63
N ARG A 336 5.90 -19.87 13.91
CA ARG A 336 6.52 -19.73 15.26
C ARG A 336 7.12 -18.33 15.43
N HIS A 337 7.02 -17.46 14.41
CA HIS A 337 7.59 -16.09 14.43
C HIS A 337 6.56 -15.07 13.94
N PRO A 338 5.50 -14.81 14.73
CA PRO A 338 4.65 -13.64 14.49
C PRO A 338 5.38 -12.34 14.87
N ASP A 339 6.50 -12.46 15.59
CA ASP A 339 7.36 -11.34 16.04
C ASP A 339 8.31 -10.90 14.93
N TYR A 340 8.31 -11.58 13.78
CA TYR A 340 9.13 -11.24 12.59
C TYR A 340 8.26 -10.61 11.51
N SER A 341 8.82 -9.70 10.74
CA SER A 341 8.20 -9.09 9.53
C SER A 341 8.14 -10.15 8.43
N VAL A 342 7.24 -9.98 7.46
CA VAL A 342 7.07 -10.93 6.33
C VAL A 342 8.37 -10.94 5.52
N SER A 343 8.90 -9.76 5.18
CA SER A 343 10.11 -9.60 4.35
C SER A 343 11.33 -10.22 5.06
N LEU A 344 11.38 -10.16 6.40
CA LEU A 344 12.43 -10.84 7.21
C LEU A 344 12.30 -12.36 7.02
N LEU A 345 11.09 -12.91 7.13
CA LEU A 345 10.82 -14.36 6.96
C LEU A 345 11.26 -14.80 5.56
N LEU A 346 11.03 -13.98 4.53
CA LEU A 346 11.42 -14.31 3.13
C LEU A 346 12.95 -14.20 2.99
N ARG A 347 13.58 -13.26 3.70
CA ARG A 347 15.07 -13.13 3.76
C ARG A 347 15.67 -14.40 4.40
N ILE A 348 15.05 -14.89 5.47
CA ILE A 348 15.52 -16.11 6.20
C ILE A 348 15.38 -17.32 5.28
N ALA A 349 14.27 -17.42 4.54
CA ALA A 349 13.98 -18.51 3.57
C ALA A 349 15.05 -18.51 2.46
N LYS A 350 15.33 -17.35 1.88
CA LYS A 350 16.35 -17.18 0.80
C LYS A 350 17.74 -17.60 1.32
N THR A 351 18.00 -17.38 2.61
CA THR A 351 19.29 -17.69 3.28
C THR A 351 19.36 -19.20 3.53
N TYR A 352 18.27 -19.81 3.97
CA TYR A 352 18.15 -21.28 4.14
C TYR A 352 18.49 -21.96 2.80
N GLU A 353 17.82 -21.56 1.72
CA GLU A 353 18.04 -22.10 0.35
C GLU A 353 19.51 -21.93 -0.05
N ALA A 354 20.05 -20.71 0.08
CA ALA A 354 21.42 -20.36 -0.33
C ALA A 354 22.42 -21.27 0.41
N THR A 355 22.21 -21.51 1.71
CA THR A 355 23.07 -22.36 2.56
C THR A 355 23.07 -23.80 2.01
N LEU A 356 21.90 -24.32 1.63
CA LEU A 356 21.75 -25.70 1.07
C LEU A 356 22.47 -25.80 -0.27
N GLU A 357 22.33 -24.81 -1.16
CA GLU A 357 23.07 -24.73 -2.45
C GLU A 357 24.57 -24.92 -2.19
N LYS A 358 25.13 -24.12 -1.28
CA LYS A 358 26.59 -24.12 -0.96
C LYS A 358 26.97 -25.46 -0.35
N CYS A 359 26.41 -25.80 0.82
CA CYS A 359 26.75 -26.99 1.63
C CYS A 359 26.62 -28.29 0.81
N CYS A 360 25.58 -28.40 -0.04
CA CYS A 360 25.25 -29.63 -0.81
C CYS A 360 26.13 -29.77 -2.05
N ALA A 361 26.92 -28.75 -2.39
CA ALA A 361 27.89 -28.77 -3.52
C ALA A 361 29.29 -29.12 -3.00
N GLU A 362 29.47 -29.12 -1.68
CA GLU A 362 30.81 -29.29 -1.01
C GLU A 362 30.92 -30.71 -0.43
N ALA A 363 32.14 -31.08 -0.02
CA ALA A 363 32.56 -32.47 0.29
C ALA A 363 31.62 -33.11 1.31
N ASP A 364 31.47 -32.50 2.50
CA ASP A 364 30.66 -33.01 3.64
C ASP A 364 29.54 -32.04 3.96
N PRO A 365 28.40 -32.10 3.23
CA PRO A 365 27.28 -31.18 3.47
C PRO A 365 26.70 -31.17 4.88
N PRO A 366 26.43 -32.33 5.52
CA PRO A 366 25.79 -32.34 6.85
C PRO A 366 26.50 -31.49 7.92
N ALA A 367 27.83 -31.56 7.99
CA ALA A 367 28.68 -30.75 8.90
C ALA A 367 28.55 -29.26 8.55
N CYS A 368 28.37 -28.94 7.27
CA CYS A 368 28.18 -27.57 6.73
C CYS A 368 26.80 -27.01 7.15
N TYR A 369 25.70 -27.67 6.76
CA TYR A 369 24.31 -27.15 6.92
C TYR A 369 23.79 -27.36 8.34
N ARG A 370 24.55 -28.01 9.22
CA ARG A 370 24.18 -28.24 10.65
C ARG A 370 23.96 -26.91 11.38
N THR A 371 24.63 -25.85 10.95
CA THR A 371 24.62 -24.50 11.59
C THR A 371 23.83 -23.51 10.73
N VAL A 372 22.90 -23.99 9.89
CA VAL A 372 22.11 -23.15 8.94
C VAL A 372 21.26 -22.14 9.73
N PHE A 373 20.67 -22.56 10.85
CA PHE A 373 19.76 -21.72 11.67
C PHE A 373 20.52 -20.53 12.26
N ASP A 374 21.82 -20.71 12.55
CA ASP A 374 22.70 -19.67 13.14
C ASP A 374 23.04 -18.60 12.10
N GLN A 375 22.84 -18.88 10.81
CA GLN A 375 23.06 -17.91 9.69
C GLN A 375 21.94 -16.87 9.70
N PHE A 376 20.83 -17.15 10.40
CA PHE A 376 19.63 -16.27 10.45
C PHE A 376 19.84 -15.15 11.48
N THR A 377 20.66 -15.40 12.51
CA THR A 377 20.87 -14.49 13.66
C THR A 377 21.13 -13.06 13.17
N PRO A 378 22.13 -12.83 12.29
CA PRO A 378 22.39 -11.49 11.76
C PRO A 378 21.17 -10.87 11.07
N LEU A 379 20.35 -11.67 10.37
CA LEU A 379 19.17 -11.19 9.60
C LEU A 379 18.08 -10.70 10.57
N VAL A 380 18.04 -11.26 11.78
CA VAL A 380 17.03 -10.91 12.83
C VAL A 380 17.50 -9.66 13.59
N GLU A 381 18.80 -9.56 13.90
CA GLU A 381 19.35 -8.47 14.75
C GLU A 381 19.29 -7.13 14.01
N GLU A 382 19.68 -7.09 12.73
CA GLU A 382 19.79 -5.82 11.94
C GLU A 382 18.44 -5.09 11.99
N PRO A 383 17.30 -5.73 11.63
CA PRO A 383 15.99 -5.09 11.76
C PRO A 383 15.59 -4.73 13.20
N LYS A 384 15.85 -5.63 14.16
CA LYS A 384 15.48 -5.45 15.59
C LYS A 384 16.17 -4.20 16.15
N SER A 385 17.42 -3.95 15.76
CA SER A 385 18.25 -2.80 16.21
C SER A 385 17.69 -1.49 15.63
N LEU A 386 17.45 -1.46 14.31
CA LEU A 386 16.95 -0.26 13.58
C LEU A 386 15.59 0.16 14.14
N VAL A 387 14.76 -0.80 14.56
CA VAL A 387 13.40 -0.53 15.12
C VAL A 387 13.56 0.03 16.53
N LYS A 388 14.36 -0.65 17.37
CA LYS A 388 14.71 -0.21 18.75
C LYS A 388 15.30 1.22 18.67
N LYS A 389 16.23 1.47 17.75
CA LYS A 389 16.97 2.76 17.61
C LYS A 389 16.02 3.87 17.16
N ASN A 390 15.19 3.62 16.14
CA ASN A 390 14.27 4.62 15.54
C ASN A 390 13.12 4.91 16.51
N CYS A 391 12.69 3.92 17.30
CA CYS A 391 11.59 4.06 18.29
C CYS A 391 12.08 4.83 19.53
N ASP A 392 13.34 4.68 19.91
CA ASP A 392 13.99 5.46 21.01
C ASP A 392 14.01 6.94 20.59
N LEU A 393 14.46 7.22 19.36
CA LEU A 393 14.53 8.59 18.78
C LEU A 393 13.12 9.20 18.76
N PHE A 394 12.13 8.47 18.25
CA PHE A 394 10.72 8.94 18.12
C PHE A 394 10.16 9.30 19.51
N GLU A 395 10.37 8.44 20.50
CA GLU A 395 9.82 8.61 21.88
C GLU A 395 10.49 9.81 22.55
N GLU A 396 11.74 10.10 22.20
CA GLU A 396 12.52 11.23 22.77
C GLU A 396 12.04 12.56 22.18
N VAL A 397 11.97 12.68 20.85
CA VAL A 397 11.86 13.98 20.12
C VAL A 397 10.45 14.20 19.55
N GLY A 398 9.63 13.16 19.43
CA GLY A 398 8.25 13.27 18.92
C GLY A 398 8.16 13.16 17.41
N GLU A 399 6.93 13.12 16.88
CA GLU A 399 6.62 12.84 15.46
C GLU A 399 7.31 13.85 14.54
N TYR A 400 7.20 15.14 14.82
CA TYR A 400 7.70 16.25 13.95
C TYR A 400 9.21 16.08 13.71
N ASP A 401 10.01 16.05 14.79
CA ASP A 401 11.50 16.02 14.69
C ASP A 401 11.96 14.64 14.20
N PHE A 402 11.19 13.59 14.44
CA PHE A 402 11.47 12.23 13.89
C PHE A 402 11.34 12.28 12.37
N GLN A 403 10.23 12.85 11.88
CA GLN A 403 9.97 13.09 10.44
C GLN A 403 11.14 13.88 9.82
N ASN A 404 11.59 14.93 10.51
CA ASN A 404 12.72 15.82 10.08
C ASN A 404 14.00 15.00 10.00
N ALA A 405 14.27 14.16 11.01
CA ALA A 405 15.39 13.20 11.06
C ALA A 405 15.38 12.33 9.79
N LEU A 406 14.22 11.76 9.46
CA LEU A 406 14.06 10.83 8.31
C LEU A 406 14.20 11.59 6.99
N ILE A 407 13.66 12.82 6.91
CA ILE A 407 13.76 13.68 5.69
C ILE A 407 15.23 13.95 5.39
N VAL A 408 16.03 14.26 6.41
CA VAL A 408 17.49 14.54 6.27
C VAL A 408 18.17 13.26 5.76
N ARG A 409 17.88 12.12 6.41
CA ARG A 409 18.44 10.79 6.10
C ARG A 409 18.24 10.48 4.61
N TYR A 410 17.02 10.63 4.09
CA TYR A 410 16.61 10.22 2.72
C TYR A 410 17.07 11.24 1.68
N THR A 411 16.98 12.54 1.99
CA THR A 411 17.49 13.62 1.11
C THR A 411 18.98 13.39 0.85
N LYS A 412 19.74 13.05 1.91
CA LYS A 412 21.19 12.72 1.82
C LYS A 412 21.39 11.46 0.97
N LYS A 413 20.55 10.44 1.14
CA LYS A 413 20.61 9.17 0.36
C LYS A 413 20.33 9.46 -1.12
N ALA A 414 19.29 10.26 -1.40
CA ALA A 414 18.72 10.48 -2.75
C ALA A 414 18.36 11.95 -2.95
N PRO A 415 19.36 12.86 -3.04
CA PRO A 415 19.08 14.29 -3.21
C PRO A 415 18.56 14.68 -4.61
N GLN A 416 18.54 13.74 -5.55
CA GLN A 416 18.03 13.93 -6.93
C GLN A 416 16.50 13.85 -6.91
N VAL A 417 15.92 13.19 -5.89
CA VAL A 417 14.45 12.99 -5.74
C VAL A 417 13.81 14.34 -5.40
N SER A 418 12.61 14.60 -5.94
CA SER A 418 11.85 15.86 -5.78
C SER A 418 11.59 16.10 -4.28
N THR A 419 11.54 17.36 -3.87
CA THR A 419 11.34 17.79 -2.46
C THR A 419 10.00 17.27 -1.95
N PRO A 420 8.88 17.44 -2.69
CA PRO A 420 7.59 16.92 -2.25
C PRO A 420 7.62 15.43 -1.88
N THR A 421 8.25 14.60 -2.70
CA THR A 421 8.36 13.13 -2.50
C THR A 421 9.18 12.85 -1.24
N LEU A 422 10.34 13.51 -1.08
CA LEU A 422 11.20 13.37 0.13
C LEU A 422 10.37 13.69 1.38
N VAL A 423 9.64 14.79 1.37
CA VAL A 423 8.80 15.24 2.53
C VAL A 423 7.69 14.20 2.77
N GLU A 424 6.99 13.79 1.71
CA GLU A 424 5.88 12.80 1.78
C GLU A 424 6.40 11.49 2.40
N ILE A 425 7.55 10.98 1.96
CA ILE A 425 8.09 9.67 2.42
C ILE A 425 8.53 9.80 3.88
N GLY A 426 9.36 10.81 4.19
CA GLY A 426 9.81 11.10 5.56
C GLY A 426 8.64 11.31 6.53
N ARG A 427 7.58 11.98 6.08
CA ARG A 427 6.37 12.25 6.90
C ARG A 427 5.65 10.93 7.17
N THR A 428 5.43 10.13 6.12
CA THR A 428 4.70 8.83 6.19
C THR A 428 5.41 7.91 7.18
N LEU A 429 6.74 7.76 7.06
CA LEU A 429 7.55 6.85 7.90
C LEU A 429 7.67 7.41 9.33
N GLY A 430 7.40 8.70 9.51
CA GLY A 430 7.21 9.32 10.83
C GLY A 430 5.94 8.81 11.50
N LYS A 431 4.83 8.78 10.75
CA LYS A 431 3.50 8.30 11.22
C LYS A 431 3.56 6.80 11.53
N VAL A 432 4.48 6.08 10.90
CA VAL A 432 4.77 4.65 11.19
C VAL A 432 5.31 4.55 12.63
N GLY A 433 6.19 5.49 13.00
CA GLY A 433 6.75 5.58 14.37
C GLY A 433 5.66 5.79 15.39
N SER A 434 4.67 6.61 15.06
CA SER A 434 3.50 6.96 15.92
C SER A 434 2.63 5.72 16.17
N ARG A 435 2.32 4.96 15.11
CA ARG A 435 1.45 3.76 15.16
C ARG A 435 2.15 2.59 15.86
N CYS A 436 3.44 2.36 15.57
CA CYS A 436 4.15 1.08 15.85
C CYS A 436 4.94 1.12 17.15
N CYS A 437 5.60 2.23 17.49
CA CYS A 437 6.56 2.30 18.62
C CYS A 437 5.85 2.16 19.99
N LYS A 438 4.55 2.48 20.07
CA LYS A 438 3.79 2.43 21.35
C LYS A 438 3.25 1.01 21.60
N LEU A 439 3.35 0.10 20.63
CA LEU A 439 2.88 -1.31 20.75
C LEU A 439 3.81 -2.08 21.68
N PRO A 440 3.40 -3.27 22.18
CA PRO A 440 4.32 -4.21 22.83
C PRO A 440 5.58 -4.44 21.98
N GLU A 441 6.74 -4.52 22.62
CA GLU A 441 8.09 -4.49 21.97
C GLU A 441 8.19 -5.56 20.88
N SER A 442 7.58 -6.74 21.07
CA SER A 442 7.64 -7.89 20.14
C SER A 442 6.91 -7.57 18.83
N GLU A 443 5.84 -6.76 18.91
CA GLU A 443 4.93 -6.45 17.77
C GLU A 443 5.47 -5.27 16.94
N ARG A 444 6.49 -4.57 17.45
CA ARG A 444 7.06 -3.34 16.82
C ARG A 444 7.65 -3.68 15.44
N LEU A 445 8.63 -4.59 15.39
CA LEU A 445 9.36 -4.97 14.16
C LEU A 445 8.37 -5.28 13.04
N PRO A 446 7.42 -6.23 13.21
CA PRO A 446 6.48 -6.55 12.14
C PRO A 446 5.69 -5.30 11.72
N CYS A 447 5.11 -4.57 12.68
CA CYS A 447 4.37 -3.30 12.46
C CYS A 447 5.21 -2.34 11.60
N SER A 448 6.47 -2.14 11.99
CA SER A 448 7.43 -1.19 11.36
C SER A 448 7.77 -1.64 9.94
N GLU A 449 8.42 -2.80 9.80
CA GLU A 449 9.02 -3.25 8.52
C GLU A 449 7.92 -3.62 7.52
N ASN A 450 6.72 -3.99 7.99
CA ASN A 450 5.54 -4.26 7.13
C ASN A 450 4.99 -2.94 6.59
N HIS A 451 4.89 -1.91 7.43
CA HIS A 451 4.44 -0.55 7.03
C HIS A 451 5.51 0.10 6.14
N LEU A 452 6.79 -0.11 6.44
CA LEU A 452 7.94 0.37 5.63
C LEU A 452 7.79 -0.15 4.20
N ALA A 453 7.42 -1.43 4.04
CA ALA A 453 7.16 -2.10 2.74
C ALA A 453 6.11 -1.32 1.94
N LEU A 454 5.09 -0.77 2.61
CA LEU A 454 3.97 -0.02 1.98
C LEU A 454 4.47 1.34 1.47
N ALA A 455 5.27 2.04 2.28
CA ALA A 455 5.84 3.37 1.96
C ALA A 455 6.93 3.25 0.88
N LEU A 456 7.71 2.16 0.90
CA LEU A 456 8.78 1.89 -0.10
C LEU A 456 8.16 1.51 -1.43
N ASN A 457 7.06 0.76 -1.41
CA ASN A 457 6.28 0.40 -2.63
C ASN A 457 5.71 1.68 -3.25
N ARG A 458 5.12 2.55 -2.42
CA ARG A 458 4.65 3.90 -2.80
C ARG A 458 5.77 4.61 -3.57
N LEU A 459 6.92 4.82 -2.92
CA LEU A 459 8.11 5.53 -3.47
C LEU A 459 8.54 4.90 -4.80
N CYS A 460 8.54 3.57 -4.90
CA CYS A 460 8.97 2.80 -6.10
C CYS A 460 7.98 2.97 -7.25
N VAL A 461 6.71 3.24 -6.94
CA VAL A 461 5.63 3.48 -7.95
C VAL A 461 5.78 4.91 -8.51
N LEU A 462 6.07 5.89 -7.64
CA LEU A 462 6.41 7.29 -8.04
C LEU A 462 7.67 7.28 -8.92
N HIS A 463 8.62 6.39 -8.61
CA HIS A 463 9.93 6.29 -9.30
C HIS A 463 9.75 5.72 -10.72
N GLU A 464 8.74 4.86 -10.93
CA GLU A 464 8.36 4.36 -12.28
C GLU A 464 7.87 5.52 -13.14
N LYS A 465 7.03 6.38 -12.56
CA LYS A 465 6.44 7.59 -13.21
C LYS A 465 7.56 8.57 -13.58
N THR A 466 8.48 8.83 -12.64
CA THR A 466 9.60 9.80 -12.77
C THR A 466 10.87 9.21 -12.17
N PRO A 467 11.63 8.36 -12.90
CA PRO A 467 12.92 7.88 -12.39
C PRO A 467 13.95 9.03 -12.31
N VAL A 468 14.76 9.05 -11.25
CA VAL A 468 15.82 10.07 -11.01
C VAL A 468 17.14 9.41 -10.62
N SER A 469 17.10 8.26 -9.94
CA SER A 469 18.28 7.59 -9.33
C SER A 469 18.34 6.13 -9.80
N GLU A 470 19.51 5.69 -10.29
CA GLU A 470 19.78 4.29 -10.67
C GLU A 470 19.86 3.43 -9.39
N LYS A 471 20.37 4.03 -8.30
CA LYS A 471 20.44 3.40 -6.96
C LYS A 471 19.02 2.99 -6.53
N ILE A 472 18.05 3.88 -6.69
CA ILE A 472 16.61 3.67 -6.32
C ILE A 472 16.01 2.59 -7.22
N THR A 473 16.24 2.67 -8.54
CA THR A 473 15.72 1.68 -9.53
C THR A 473 16.16 0.27 -9.11
N LYS A 474 17.41 0.12 -8.67
CA LYS A 474 18.01 -1.19 -8.29
C LYS A 474 17.30 -1.73 -7.04
N CYS A 475 17.15 -0.91 -6.00
CA CYS A 475 16.47 -1.28 -4.74
C CYS A 475 15.00 -1.66 -5.01
N CYS A 476 14.36 -1.00 -5.97
CA CYS A 476 12.90 -1.15 -6.29
C CYS A 476 12.63 -2.40 -7.11
N THR A 477 13.61 -2.87 -7.91
CA THR A 477 13.42 -3.90 -8.97
C THR A 477 14.17 -5.19 -8.68
N ASP A 478 15.24 -5.17 -7.86
CA ASP A 478 16.20 -6.30 -7.71
C ASP A 478 15.53 -7.46 -6.98
N SER A 479 14.94 -7.21 -5.80
CA SER A 479 14.41 -8.25 -4.89
C SER A 479 13.39 -7.65 -3.92
N LEU A 480 12.19 -8.23 -3.85
CA LEU A 480 11.09 -7.77 -2.96
C LEU A 480 11.54 -7.88 -1.50
N ALA A 481 12.13 -9.02 -1.13
CA ALA A 481 12.58 -9.36 0.24
C ALA A 481 13.69 -8.42 0.70
N GLU A 482 14.54 -7.95 -0.23
CA GLU A 482 15.80 -7.19 0.06
C GLU A 482 15.59 -5.68 -0.08
N ARG A 483 14.37 -5.22 -0.40
CA ARG A 483 14.06 -3.78 -0.67
C ARG A 483 14.54 -2.90 0.48
N ARG A 484 13.99 -3.12 1.69
CA ARG A 484 14.22 -2.24 2.87
C ARG A 484 15.71 -2.26 3.20
N PRO A 485 16.36 -3.44 3.29
CA PRO A 485 17.81 -3.48 3.47
C PRO A 485 18.59 -2.69 2.41
N CYS A 486 18.21 -2.82 1.14
CA CYS A 486 18.83 -2.14 -0.03
C CYS A 486 18.71 -0.63 0.13
N PHE A 487 17.54 -0.16 0.58
CA PHE A 487 17.21 1.27 0.81
C PHE A 487 18.00 1.79 2.02
N SER A 488 18.08 0.97 3.08
CA SER A 488 18.85 1.28 4.32
C SER A 488 20.34 1.35 4.02
N ALA A 489 20.82 0.53 3.08
CA ALA A 489 22.26 0.43 2.70
C ALA A 489 22.71 1.72 1.99
N LEU A 490 21.83 2.37 1.23
CA LEU A 490 22.12 3.62 0.47
C LEU A 490 22.84 4.63 1.38
N GLU A 491 23.84 5.32 0.84
CA GLU A 491 24.59 6.41 1.52
C GLU A 491 24.57 7.66 0.64
N LEU A 492 24.99 8.81 1.19
CA LEU A 492 25.13 10.10 0.46
C LEU A 492 26.07 9.91 -0.73
N ASP A 493 25.57 10.13 -1.95
CA ASP A 493 26.35 10.03 -3.22
C ASP A 493 27.37 11.17 -3.24
N GLU A 494 28.67 10.84 -3.20
CA GLU A 494 29.80 11.82 -3.13
C GLU A 494 30.01 12.48 -4.50
N GLY A 495 29.40 11.94 -5.56
CA GLY A 495 29.40 12.52 -6.92
C GLY A 495 28.38 13.65 -7.07
N TYR A 496 27.43 13.76 -6.15
CA TYR A 496 26.31 14.75 -6.18
C TYR A 496 26.88 16.19 -6.11
N VAL A 497 26.38 17.07 -6.97
CA VAL A 497 26.73 18.52 -7.02
C VAL A 497 25.73 19.28 -6.16
N PRO A 498 26.17 19.95 -5.06
CA PRO A 498 25.28 20.76 -4.24
C PRO A 498 24.39 21.71 -5.06
N LYS A 499 23.08 21.67 -4.84
CA LYS A 499 22.05 22.40 -5.62
C LYS A 499 22.34 23.91 -5.56
N GLU A 500 22.32 24.57 -6.72
CA GLU A 500 22.49 26.05 -6.88
C GLU A 500 21.52 26.77 -5.92
N PHE A 501 22.01 27.77 -5.18
CA PHE A 501 21.23 28.50 -4.15
C PHE A 501 20.30 29.51 -4.82
N LYS A 502 18.99 29.26 -4.73
CA LYS A 502 17.92 30.20 -5.17
C LYS A 502 17.31 30.86 -3.91
N ALA A 503 17.50 32.17 -3.76
CA ALA A 503 16.96 32.99 -2.65
C ALA A 503 15.46 32.72 -2.50
N GLU A 504 14.74 32.64 -3.63
CA GLU A 504 13.27 32.43 -3.70
C GLU A 504 12.87 31.10 -3.03
N THR A 505 13.75 30.11 -3.01
CA THR A 505 13.49 28.75 -2.45
C THR A 505 13.18 28.83 -0.95
N PHE A 506 13.89 29.70 -0.22
CA PHE A 506 13.80 29.82 1.27
C PHE A 506 13.04 31.09 1.66
N THR A 507 12.31 31.68 0.72
CA THR A 507 11.50 32.94 0.90
C THR A 507 10.11 32.57 1.39
N PHE A 508 9.68 33.16 2.51
CA PHE A 508 8.36 32.93 3.15
C PHE A 508 7.57 34.23 3.19
N HIS A 509 6.24 34.13 3.18
CA HIS A 509 5.28 35.27 3.21
C HIS A 509 4.18 34.99 4.23
N ALA A 510 3.34 35.99 4.51
CA ALA A 510 2.28 35.96 5.55
C ALA A 510 1.29 34.81 5.30
N ASP A 511 1.16 34.34 4.05
CA ASP A 511 0.21 33.28 3.65
C ASP A 511 0.42 32.03 4.52
N ILE A 512 1.67 31.78 4.94
CA ILE A 512 2.05 30.61 5.79
C ILE A 512 1.27 30.65 7.12
N CYS A 513 0.95 31.86 7.61
CA CYS A 513 0.37 32.10 8.96
C CYS A 513 -1.09 31.63 9.03
N THR A 514 -1.81 31.60 7.90
CA THR A 514 -3.24 31.21 7.81
C THR A 514 -3.38 29.69 7.67
N LEU A 515 -2.31 28.98 7.29
CA LEU A 515 -2.33 27.51 7.04
C LEU A 515 -2.58 26.77 8.35
N PRO A 516 -3.19 25.55 8.29
CA PRO A 516 -3.23 24.67 9.45
C PRO A 516 -1.83 24.13 9.76
N GLU A 517 -1.65 23.56 10.96
CA GLU A 517 -0.31 23.24 11.55
C GLU A 517 0.47 22.30 10.63
N ASP A 518 -0.19 21.31 10.00
CA ASP A 518 0.49 20.27 9.20
C ASP A 518 0.99 20.88 7.87
N GLU A 519 0.21 21.77 7.26
CA GLU A 519 0.61 22.48 6.01
C GLU A 519 1.75 23.45 6.32
N LYS A 520 1.76 24.05 7.52
CA LYS A 520 2.91 24.84 8.05
C LYS A 520 4.16 23.96 8.08
N GLN A 521 4.09 22.84 8.81
CA GLN A 521 5.19 21.84 8.96
C GLN A 521 5.75 21.50 7.57
N ILE A 522 4.89 21.18 6.61
CA ILE A 522 5.28 20.70 5.26
C ILE A 522 6.13 21.78 4.57
N LYS A 523 5.76 23.06 4.71
CA LYS A 523 6.51 24.21 4.14
C LYS A 523 7.93 24.23 4.71
N LYS A 524 8.07 24.04 6.02
CA LYS A 524 9.36 24.06 6.77
C LYS A 524 10.14 22.78 6.46
N GLN A 525 9.46 21.63 6.45
CA GLN A 525 10.06 20.31 6.12
C GLN A 525 10.55 20.34 4.67
N SER A 526 9.84 21.04 3.79
CA SER A 526 10.24 21.25 2.37
C SER A 526 11.53 22.10 2.34
N ALA A 527 11.64 23.09 3.22
CA ALA A 527 12.82 23.96 3.38
C ALA A 527 14.00 23.12 3.92
N LEU A 528 13.74 22.25 4.89
CA LEU A 528 14.76 21.32 5.46
C LEU A 528 15.41 20.52 4.32
N ALA A 529 14.60 19.89 3.46
CA ALA A 529 15.06 19.07 2.31
C ALA A 529 15.95 19.93 1.40
N GLU A 530 15.52 21.17 1.11
CA GLU A 530 16.24 22.13 0.24
C GLU A 530 17.58 22.53 0.88
N LEU A 531 17.64 22.66 2.21
CA LEU A 531 18.91 22.94 2.95
C LEU A 531 19.89 21.79 2.74
N VAL A 532 19.43 20.55 2.93
CA VAL A 532 20.26 19.31 2.73
C VAL A 532 20.72 19.25 1.27
N LYS A 533 19.85 19.62 0.32
CA LYS A 533 20.17 19.58 -1.13
C LYS A 533 21.29 20.59 -1.45
N HIS A 534 21.29 21.77 -0.84
CA HIS A 534 22.32 22.82 -1.05
C HIS A 534 23.59 22.51 -0.24
N LYS A 535 23.44 21.99 0.97
CA LYS A 535 24.57 21.67 1.91
C LYS A 535 24.42 20.25 2.42
N PRO A 536 24.70 19.22 1.58
CA PRO A 536 24.46 17.83 1.95
C PRO A 536 25.49 17.21 2.92
N LYS A 537 26.65 17.86 3.09
CA LYS A 537 27.72 17.42 4.03
C LYS A 537 27.52 18.12 5.39
N ALA A 538 26.51 18.97 5.51
CA ALA A 538 26.06 19.57 6.78
C ALA A 538 25.64 18.44 7.73
N THR A 539 26.11 18.48 8.98
CA THR A 539 25.78 17.48 10.03
C THR A 539 24.30 17.60 10.37
N LYS A 540 23.70 16.53 10.89
CA LYS A 540 22.27 16.51 11.29
C LYS A 540 22.02 17.57 12.37
N GLU A 541 23.04 17.88 13.18
CA GLU A 541 22.96 18.85 14.31
C GLU A 541 22.94 20.29 13.77
N GLN A 542 23.79 20.60 12.80
CA GLN A 542 23.81 21.89 12.06
C GLN A 542 22.40 22.20 11.52
N LEU A 543 21.80 21.22 10.83
CA LEU A 543 20.48 21.37 10.16
C LEU A 543 19.38 21.63 11.21
N LYS A 544 19.41 20.91 12.34
CA LYS A 544 18.43 21.06 13.44
C LYS A 544 18.46 22.52 13.94
N THR A 545 19.66 23.09 14.06
CA THR A 545 19.89 24.50 14.48
C THR A 545 19.21 25.45 13.51
N VAL A 546 19.53 25.33 12.20
CA VAL A 546 19.05 26.25 11.13
C VAL A 546 17.52 26.16 11.02
N LEU A 547 16.97 24.94 10.98
CA LEU A 547 15.49 24.72 10.91
C LEU A 547 14.82 25.36 12.14
N GLY A 548 15.49 25.31 13.30
CA GLY A 548 15.09 26.05 14.52
C GLY A 548 14.96 27.53 14.25
N ASN A 549 15.96 28.13 13.59
CA ASN A 549 15.98 29.57 13.25
C ASN A 549 14.80 29.88 12.31
N PHE A 550 14.52 29.00 11.35
CA PHE A 550 13.40 29.12 10.38
C PHE A 550 12.06 29.07 11.12
N SER A 551 11.93 28.17 12.10
CA SER A 551 10.72 28.00 12.94
C SER A 551 10.51 29.27 13.78
N ALA A 552 11.58 29.74 14.45
CA ALA A 552 11.60 30.95 15.30
C ALA A 552 11.15 32.16 14.47
N PHE A 553 11.74 32.30 13.27
CA PHE A 553 11.48 33.36 12.26
C PHE A 553 10.00 33.36 11.84
N VAL A 554 9.45 32.18 11.53
CA VAL A 554 8.03 32.03 11.06
C VAL A 554 7.11 32.42 12.22
N ALA A 555 7.39 31.94 13.43
CA ALA A 555 6.59 32.23 14.66
C ALA A 555 6.67 33.72 14.99
N LYS A 556 7.86 34.33 14.88
CA LYS A 556 8.10 35.76 15.18
C LYS A 556 7.27 36.62 14.21
N CYS A 557 7.40 36.39 12.90
CA CYS A 557 6.80 37.24 11.84
C CYS A 557 5.28 37.00 11.73
N CYS A 558 4.80 35.79 12.05
CA CYS A 558 3.35 35.47 12.06
C CYS A 558 2.66 36.10 13.27
N GLY A 559 3.42 36.42 14.32
CA GLY A 559 2.92 37.11 15.52
C GLY A 559 3.16 38.61 15.47
N ALA A 560 3.68 39.14 14.35
CA ALA A 560 4.09 40.55 14.19
C ALA A 560 2.86 41.44 13.95
N GLU A 561 3.02 42.75 14.16
CA GLU A 561 2.02 43.80 13.82
C GLU A 561 1.86 43.81 12.30
N ASP A 562 2.94 44.06 11.56
CA ASP A 562 3.01 43.97 10.08
C ASP A 562 3.76 42.69 9.70
N LYS A 563 3.01 41.63 9.39
CA LYS A 563 3.56 40.27 9.11
C LYS A 563 4.48 40.32 7.90
N GLU A 564 4.04 40.97 6.81
CA GLU A 564 4.74 40.98 5.51
C GLU A 564 6.04 41.81 5.59
N ALA A 565 6.03 42.91 6.36
CA ALA A 565 7.23 43.76 6.58
C ALA A 565 8.29 42.97 7.36
N CYS A 566 7.86 42.13 8.31
CA CYS A 566 8.73 41.24 9.12
C CYS A 566 9.40 40.21 8.21
N PHE A 567 8.62 39.48 7.41
CA PHE A 567 9.10 38.44 6.47
C PHE A 567 10.09 39.08 5.48
N ALA A 568 9.73 40.24 4.92
CA ALA A 568 10.51 40.98 3.90
C ALA A 568 11.86 41.44 4.46
N GLU A 569 11.92 41.75 5.76
CA GLU A 569 13.11 42.34 6.45
C GLU A 569 14.02 41.23 6.97
N GLU A 570 13.45 40.26 7.68
CA GLU A 570 14.18 39.21 8.45
C GLU A 570 14.55 38.02 7.54
N GLY A 571 13.79 37.82 6.45
CA GLY A 571 13.95 36.67 5.53
C GLY A 571 15.34 36.59 4.91
N PRO A 572 15.80 37.63 4.18
CA PRO A 572 17.13 37.66 3.59
C PRO A 572 18.28 37.42 4.58
N LYS A 573 18.16 37.96 5.80
CA LYS A 573 19.17 37.85 6.89
C LYS A 573 19.30 36.39 7.32
N LEU A 574 18.16 35.72 7.51
CA LEU A 574 18.08 34.28 7.89
C LEU A 574 18.74 33.44 6.80
N VAL A 575 18.42 33.72 5.53
CA VAL A 575 18.99 33.03 4.34
C VAL A 575 20.52 33.11 4.37
N ALA A 576 21.07 34.31 4.56
CA ALA A 576 22.52 34.62 4.49
C ALA A 576 23.27 33.89 5.61
N SER A 577 22.76 33.96 6.84
CA SER A 577 23.41 33.39 8.06
C SER A 577 23.36 31.85 8.00
N SER A 578 22.31 31.30 7.37
CA SER A 578 22.07 29.83 7.25
C SER A 578 23.15 29.18 6.36
N GLN A 579 23.56 29.84 5.28
CA GLN A 579 24.64 29.36 4.36
C GLN A 579 25.94 29.17 5.15
N LEU A 580 26.23 30.09 6.09
CA LEU A 580 27.45 30.07 6.92
C LEU A 580 27.32 29.00 8.01
N ALA A 581 26.12 28.80 8.56
CA ALA A 581 25.85 27.88 9.69
C ALA A 581 25.96 26.42 9.23
N LEU A 582 25.80 26.16 7.93
CA LEU A 582 25.73 24.80 7.33
C LEU A 582 27.05 24.42 6.63
N ALA A 583 28.10 25.23 6.80
CA ALA A 583 29.43 25.03 6.17
C ALA A 583 30.10 23.77 6.74
#